data_7UCD
#
_entry.id   7UCD
#
_cell.length_a   48.260
_cell.length_b   67.670
_cell.length_c   122.943
_cell.angle_alpha   90.000
_cell.angle_beta   90.000
_cell.angle_gamma   90.000
#
_symmetry.space_group_name_H-M   'I 2 2 2'
#
loop_
_entity.id
_entity.type
_entity.pdbx_description
1 polymer 'Protein fosB'
2 polymer 'Transcription factor jun-D'
3 non-polymer 7-acetyl-4-methoxy-1-benzofuran-3(2H)-one
4 non-polymer 'CHLORIDE ION'
#
loop_
_entity_poly.entity_id
_entity_poly.type
_entity_poly.pdbx_seq_one_letter_code
_entity_poly.pdbx_strand_id
1 'polypeptide(L)' SEEEEKRRVRRERNKLAAAKCRNRRRELTDRLQAETDQLEEEKAELESEIAELQKEKERLEFVLVAHK F
2 'polypeptide(L)' SQERIKAERKRLRNRIAASKCRKRKLERISRLEEKVKTLKSQNTELASTASLLREQVAQLKQKVLSHV J
#
loop_
_chem_comp.id
_chem_comp.type
_chem_comp.name
_chem_comp.formula
CL non-polymer 'CHLORIDE ION' 'Cl -1'
MV0 non-polymer 7-acetyl-4-methoxy-1-benzofuran-3(2H)-one 'C11 H10 O4'
#
# COMPACT_ATOMS: atom_id res chain seq x y z
N GLU A 3 -20.67 -44.32 -7.99
CA GLU A 3 -19.36 -44.29 -8.60
C GLU A 3 -18.41 -43.39 -7.82
N GLU A 4 -17.11 -43.55 -8.03
CA GLU A 4 -16.11 -42.70 -7.40
C GLU A 4 -15.64 -41.55 -8.31
N GLU A 5 -15.94 -41.61 -9.62
CA GLU A 5 -15.64 -40.48 -10.51
C GLU A 5 -16.42 -39.23 -10.13
N LYS A 6 -17.49 -39.37 -9.35
CA LYS A 6 -18.04 -38.21 -8.66
C LYS A 6 -17.00 -37.61 -7.73
N ARG A 7 -16.15 -38.46 -7.12
CA ARG A 7 -15.10 -37.98 -6.23
C ARG A 7 -14.02 -37.23 -7.00
N ARG A 8 -13.58 -37.78 -8.14
CA ARG A 8 -12.66 -37.04 -9.02
C ARG A 8 -13.26 -35.74 -9.53
N VAL A 9 -14.58 -35.71 -9.75
CA VAL A 9 -15.24 -34.50 -10.21
C VAL A 9 -15.31 -33.45 -9.10
N ARG A 10 -15.67 -33.86 -7.88
CA ARG A 10 -15.68 -32.92 -6.76
C ARG A 10 -14.27 -32.40 -6.47
N ARG A 11 -13.27 -33.27 -6.62
CA ARG A 11 -11.87 -32.89 -6.49
C ARG A 11 -11.52 -31.77 -7.47
N GLU A 12 -11.56 -32.09 -8.77
CA GLU A 12 -11.18 -31.11 -9.79
C GLU A 12 -12.17 -29.96 -9.93
N ARG A 13 -13.33 -30.00 -9.27
CA ARG A 13 -14.23 -28.85 -9.26
C ARG A 13 -13.86 -27.89 -8.14
N ASN A 14 -13.87 -28.36 -6.90
CA ASN A 14 -13.54 -27.47 -5.81
C ASN A 14 -12.10 -26.98 -5.86
N LYS A 15 -11.20 -27.70 -6.54
CA LYS A 15 -9.89 -27.11 -6.79
C LYS A 15 -10.07 -25.78 -7.51
N LEU A 16 -10.60 -25.86 -8.71
CA LEU A 16 -10.75 -24.68 -9.55
C LEU A 16 -11.72 -23.66 -8.95
N ALA A 17 -12.49 -24.05 -7.93
CA ALA A 17 -13.35 -23.07 -7.26
C ALA A 17 -12.62 -22.34 -6.15
N ALA A 18 -11.75 -23.02 -5.41
CA ALA A 18 -10.87 -22.28 -4.49
C ALA A 18 -10.01 -21.28 -5.26
N ALA A 19 -9.66 -21.64 -6.51
CA ALA A 19 -9.01 -20.65 -7.37
C ALA A 19 -9.76 -19.32 -7.38
N LYS A 20 -11.08 -19.36 -7.21
CA LYS A 20 -11.86 -18.12 -7.20
C LYS A 20 -11.34 -17.15 -6.14
N CYS A 21 -11.40 -17.53 -4.85
CA CYS A 21 -10.97 -16.56 -3.86
C CYS A 21 -9.46 -16.32 -3.91
N ARG A 22 -8.66 -17.27 -4.42
CA ARG A 22 -7.24 -16.93 -4.58
C ARG A 22 -7.08 -15.75 -5.52
N ASN A 23 -7.76 -15.77 -6.66
CA ASN A 23 -7.63 -14.65 -7.58
C ASN A 23 -8.36 -13.42 -7.06
N ARG A 24 -9.41 -13.57 -6.26
CA ARG A 24 -10.03 -12.37 -5.69
C ARG A 24 -9.08 -11.70 -4.71
N ARG A 25 -8.48 -12.48 -3.81
CA ARG A 25 -7.47 -11.93 -2.92
C ARG A 25 -6.34 -11.29 -3.71
N ARG A 26 -5.98 -11.87 -4.86
CA ARG A 26 -4.91 -11.26 -5.64
C ARG A 26 -5.37 -9.96 -6.27
N GLU A 27 -6.64 -9.88 -6.71
CA GLU A 27 -7.16 -8.61 -7.22
C GLU A 27 -7.08 -7.54 -6.13
N LEU A 28 -7.44 -7.90 -4.90
CA LEU A 28 -7.44 -6.93 -3.82
C LEU A 28 -6.02 -6.56 -3.39
N THR A 29 -5.16 -7.56 -3.18
CA THR A 29 -3.82 -7.27 -2.70
C THR A 29 -2.97 -6.59 -3.75
N ASP A 30 -3.22 -6.84 -5.02
CA ASP A 30 -2.43 -6.17 -6.05
C ASP A 30 -2.96 -4.79 -6.37
N ARG A 31 -4.27 -4.57 -6.19
CA ARG A 31 -4.82 -3.21 -6.13
C ARG A 31 -4.10 -2.40 -5.07
N LEU A 32 -4.05 -2.93 -3.85
CA LEU A 32 -3.34 -2.23 -2.79
C LEU A 32 -1.86 -2.06 -3.12
N GLN A 33 -1.22 -3.08 -3.70
CA GLN A 33 0.22 -2.97 -3.92
C GLN A 33 0.55 -1.91 -4.95
N ALA A 34 -0.28 -1.78 -5.98
CA ALA A 34 -0.05 -0.72 -6.95
C ALA A 34 -0.38 0.66 -6.35
N GLU A 35 -1.50 0.78 -5.62
CA GLU A 35 -1.75 2.03 -4.91
C GLU A 35 -0.51 2.45 -4.14
N THR A 36 0.01 1.55 -3.30
CA THR A 36 1.18 1.86 -2.51
C THR A 36 2.38 2.25 -3.36
N ASP A 37 2.71 1.46 -4.39
CA ASP A 37 3.84 1.85 -5.23
C ASP A 37 3.68 3.29 -5.69
N GLN A 38 2.48 3.65 -6.12
CA GLN A 38 2.36 4.97 -6.72
C GLN A 38 2.39 6.06 -5.65
N LEU A 39 1.80 5.79 -4.49
CA LEU A 39 1.93 6.74 -3.39
C LEU A 39 3.38 6.94 -3.02
N GLU A 40 4.21 5.91 -3.21
CA GLU A 40 5.63 6.07 -2.95
C GLU A 40 6.30 6.94 -4.00
N GLU A 41 6.01 6.68 -5.27
CA GLU A 41 6.56 7.56 -6.31
C GLU A 41 6.23 9.02 -5.99
N GLU A 42 4.98 9.28 -5.58
CA GLU A 42 4.55 10.64 -5.35
C GLU A 42 5.20 11.23 -4.11
N LYS A 43 5.22 10.46 -3.01
CA LYS A 43 5.94 10.89 -1.82
C LYS A 43 7.38 11.25 -2.15
N ALA A 44 8.03 10.46 -2.99
CA ALA A 44 9.41 10.77 -3.32
C ALA A 44 9.52 12.08 -4.09
N GLU A 45 8.62 12.30 -5.05
CA GLU A 45 8.58 13.59 -5.72
C GLU A 45 8.54 14.71 -4.71
N LEU A 46 7.58 14.64 -3.79
CA LEU A 46 7.43 15.74 -2.84
C LEU A 46 8.69 15.89 -2.00
N GLU A 47 9.30 14.79 -1.59
CA GLU A 47 10.49 14.90 -0.76
C GLU A 47 11.57 15.71 -1.49
N SER A 48 11.83 15.39 -2.75
CA SER A 48 12.88 16.14 -3.44
C SER A 48 12.42 17.55 -3.80
N GLU A 49 11.12 17.75 -3.94
CA GLU A 49 10.67 19.10 -4.27
C GLU A 49 10.83 20.01 -3.07
N ILE A 50 10.46 19.51 -1.89
CA ILE A 50 10.78 20.24 -0.65
C ILE A 50 12.27 20.53 -0.58
N ALA A 51 13.10 19.52 -0.89
CA ALA A 51 14.54 19.76 -0.87
C ALA A 51 14.91 20.96 -1.74
N GLU A 52 14.55 20.92 -3.03
CA GLU A 52 14.95 21.98 -3.95
C GLU A 52 14.37 23.33 -3.53
N LEU A 53 13.12 23.34 -3.08
CA LEU A 53 12.50 24.59 -2.66
C LEU A 53 13.25 25.22 -1.50
N GLN A 54 13.61 24.41 -0.51
CA GLN A 54 14.32 24.98 0.63
C GLN A 54 15.71 25.43 0.23
N LYS A 55 16.37 24.68 -0.67
CA LYS A 55 17.61 25.16 -1.26
C LYS A 55 17.43 26.62 -1.68
N GLU A 56 16.54 26.84 -2.62
CA GLU A 56 16.43 28.15 -3.24
C GLU A 56 15.90 29.19 -2.25
N LYS A 57 15.17 28.76 -1.22
CA LYS A 57 14.70 29.70 -0.20
C LYS A 57 15.85 30.23 0.67
N GLU A 58 16.67 29.31 1.18
CA GLU A 58 17.83 29.75 1.96
C GLU A 58 18.76 30.61 1.11
N ARG A 59 18.88 30.28 -0.17
CA ARG A 59 19.71 31.13 -1.03
C ARG A 59 19.14 32.54 -1.11
N LEU A 60 17.84 32.68 -1.40
CA LEU A 60 17.25 34.03 -1.48
C LEU A 60 17.40 34.78 -0.16
N GLU A 61 17.32 34.07 0.97
CA GLU A 61 17.48 34.75 2.26
C GLU A 61 18.90 35.31 2.41
N PHE A 62 19.92 34.49 2.15
CA PHE A 62 21.28 35.02 2.16
C PHE A 62 21.56 35.95 0.98
N VAL A 63 20.58 36.13 0.09
CA VAL A 63 20.69 37.16 -0.96
C VAL A 63 20.18 38.49 -0.45
N LEU A 64 19.15 38.48 0.38
CA LEU A 64 18.61 39.74 0.87
C LEU A 64 19.59 40.42 1.81
N VAL A 65 20.09 39.69 2.82
CA VAL A 65 21.05 40.27 3.76
C VAL A 65 22.43 40.44 3.11
N ALA A 66 22.79 39.56 2.18
CA ALA A 66 24.08 39.64 1.48
C ALA A 66 23.89 39.54 -0.04
N SER B 1 -15.65 -45.48 14.57
CA SER B 1 -14.98 -46.60 13.90
C SER B 1 -13.74 -46.09 13.20
N GLN B 2 -12.70 -46.92 13.08
CA GLN B 2 -11.44 -46.45 12.51
C GLN B 2 -11.66 -45.78 11.16
N GLU B 3 -12.63 -46.25 10.36
CA GLU B 3 -12.92 -45.60 9.09
C GLU B 3 -13.46 -44.19 9.28
N ARG B 4 -14.44 -44.07 10.20
CA ARG B 4 -15.03 -42.77 10.53
C ARG B 4 -14.00 -41.82 11.10
N ILE B 5 -13.23 -42.30 12.09
CA ILE B 5 -12.18 -41.47 12.64
C ILE B 5 -11.25 -41.02 11.55
N LYS B 6 -11.00 -41.88 10.56
CA LYS B 6 -10.16 -41.50 9.43
C LYS B 6 -10.75 -40.30 8.72
N ALA B 7 -12.02 -40.44 8.31
CA ALA B 7 -12.69 -39.34 7.63
C ALA B 7 -12.61 -38.06 8.43
N GLU B 8 -12.77 -38.16 9.77
CA GLU B 8 -12.81 -36.95 10.60
C GLU B 8 -11.42 -36.34 10.78
N ARG B 9 -10.39 -37.17 10.94
CA ARG B 9 -9.02 -36.67 10.94
C ARG B 9 -8.78 -35.81 9.70
N LYS B 10 -9.16 -36.32 8.52
CA LYS B 10 -8.85 -35.57 7.30
C LYS B 10 -9.71 -34.31 7.19
N ARG B 11 -10.97 -34.37 7.64
CA ARG B 11 -11.84 -33.19 7.63
C ARG B 11 -11.25 -32.07 8.50
N LEU B 12 -11.04 -32.35 9.79
CA LEU B 12 -10.56 -31.35 10.73
C LEU B 12 -9.04 -31.14 10.66
N ARG B 13 -8.38 -31.75 9.68
CA ARG B 13 -7.04 -31.35 9.26
C ARG B 13 -7.08 -30.32 8.14
N ASN B 14 -7.79 -30.63 7.06
CA ASN B 14 -7.96 -29.65 6.00
C ASN B 14 -8.57 -28.36 6.54
N ARG B 15 -9.50 -28.48 7.49
CA ARG B 15 -10.20 -27.30 7.97
C ARG B 15 -9.30 -26.44 8.85
N ILE B 16 -8.46 -27.06 9.68
CA ILE B 16 -7.55 -26.26 10.49
C ILE B 16 -6.46 -25.66 9.62
N ALA B 17 -6.06 -26.36 8.55
CA ALA B 17 -5.13 -25.76 7.59
C ALA B 17 -5.73 -24.52 6.94
N ALA B 18 -6.98 -24.62 6.52
CA ALA B 18 -7.66 -23.44 5.98
C ALA B 18 -7.70 -22.32 7.01
N SER B 19 -7.95 -22.64 8.28
CA SER B 19 -8.01 -21.60 9.30
C SER B 19 -6.65 -20.93 9.53
N LYS B 20 -5.55 -21.65 9.27
CA LYS B 20 -4.24 -20.99 9.31
C LYS B 20 -4.09 -20.03 8.13
N CYS B 21 -4.39 -20.51 6.92
CA CYS B 21 -4.18 -19.69 5.73
C CYS B 21 -5.04 -18.44 5.74
N ARG B 22 -6.27 -18.55 6.21
CA ARG B 22 -7.16 -17.40 6.28
C ARG B 22 -6.51 -16.25 7.05
N LYS B 23 -6.00 -16.54 8.25
CA LYS B 23 -5.38 -15.50 9.06
C LYS B 23 -4.13 -14.93 8.38
N ARG B 24 -3.31 -15.81 7.77
CA ARG B 24 -2.10 -15.31 7.14
C ARG B 24 -2.43 -14.38 5.97
N LYS B 25 -3.58 -14.59 5.33
CA LYS B 25 -3.97 -13.72 4.23
C LYS B 25 -4.54 -12.40 4.74
N LEU B 26 -5.41 -12.47 5.74
CA LEU B 26 -6.08 -11.24 6.18
C LEU B 26 -5.09 -10.29 6.87
N GLU B 27 -4.18 -10.80 7.70
CA GLU B 27 -3.20 -9.89 8.29
C GLU B 27 -2.41 -9.17 7.20
N ARG B 28 -2.17 -9.86 6.08
CA ARG B 28 -1.44 -9.30 4.95
C ARG B 28 -2.22 -8.16 4.31
N ILE B 29 -3.47 -8.42 3.94
CA ILE B 29 -4.29 -7.35 3.40
C ILE B 29 -4.32 -6.19 4.38
N SER B 30 -4.39 -6.48 5.68
CA SER B 30 -4.50 -5.41 6.67
C SER B 30 -3.26 -4.53 6.65
N ARG B 31 -2.08 -5.14 6.76
CA ARG B 31 -0.84 -4.39 6.66
C ARG B 31 -0.84 -3.48 5.44
N LEU B 32 -1.15 -4.05 4.27
CA LEU B 32 -1.10 -3.25 3.06
C LEU B 32 -2.04 -2.05 3.17
N GLU B 33 -3.24 -2.25 3.70
CA GLU B 33 -4.17 -1.14 3.74
C GLU B 33 -3.76 -0.10 4.76
N GLU B 34 -3.13 -0.54 5.86
CA GLU B 34 -2.59 0.43 6.81
C GLU B 34 -1.46 1.24 6.17
N LYS B 35 -0.65 0.60 5.30
CA LYS B 35 0.41 1.38 4.68
C LYS B 35 -0.16 2.37 3.66
N VAL B 36 -1.23 1.99 2.97
CA VAL B 36 -1.86 2.95 2.07
C VAL B 36 -2.36 4.15 2.85
N LYS B 37 -3.02 3.91 4.00
CA LYS B 37 -3.52 5.03 4.81
C LYS B 37 -2.35 5.88 5.34
N THR B 38 -1.27 5.22 5.74
CA THR B 38 -0.11 5.93 6.25
C THR B 38 0.55 6.82 5.20
N LEU B 39 0.67 6.34 3.96
CA LEU B 39 1.24 7.18 2.90
C LEU B 39 0.28 8.30 2.49
N LYS B 40 -1.01 8.02 2.40
CA LYS B 40 -1.95 9.08 2.12
C LYS B 40 -1.99 10.13 3.24
N SER B 41 -1.41 9.85 4.41
CA SER B 41 -1.25 10.92 5.38
C SER B 41 0.07 11.65 5.22
N GLN B 42 1.16 10.89 5.16
CA GLN B 42 2.49 11.45 4.99
C GLN B 42 2.61 12.19 3.66
N ASN B 43 1.56 12.17 2.84
CA ASN B 43 1.50 13.00 1.64
C ASN B 43 0.69 14.27 1.84
N THR B 44 -0.48 14.20 2.49
CA THR B 44 -1.16 15.45 2.80
C THR B 44 -0.21 16.41 3.50
N GLU B 45 0.58 15.91 4.45
CA GLU B 45 1.42 16.87 5.17
C GLU B 45 2.61 17.31 4.33
N LEU B 46 3.18 16.38 3.56
CA LEU B 46 4.31 16.76 2.75
C LEU B 46 3.90 17.78 1.70
N ALA B 47 2.67 17.71 1.20
CA ALA B 47 2.25 18.70 0.23
C ALA B 47 1.86 20.01 0.90
N SER B 48 1.35 19.96 2.13
CA SER B 48 1.22 21.19 2.90
C SER B 48 2.54 21.95 2.91
N THR B 49 3.57 21.34 3.51
CA THR B 49 4.86 22.00 3.59
C THR B 49 5.39 22.40 2.21
N ALA B 50 5.24 21.55 1.20
CA ALA B 50 5.76 21.90 -0.12
C ALA B 50 5.11 23.18 -0.65
N SER B 51 3.78 23.25 -0.64
CA SER B 51 3.15 24.47 -1.18
C SER B 51 3.38 25.67 -0.28
N LEU B 52 3.57 25.45 1.02
CA LEU B 52 3.94 26.56 1.89
C LEU B 52 5.28 27.13 1.46
N LEU B 53 6.27 26.27 1.27
CA LEU B 53 7.57 26.75 0.81
C LEU B 53 7.43 27.46 -0.52
N ARG B 54 6.55 26.97 -1.41
CA ARG B 54 6.37 27.64 -2.69
C ARG B 54 5.90 29.08 -2.50
N GLU B 55 4.92 29.28 -1.62
CA GLU B 55 4.46 30.65 -1.36
C GLU B 55 5.57 31.50 -0.75
N GLN B 56 6.32 30.94 0.20
CA GLN B 56 7.38 31.72 0.82
C GLN B 56 8.40 32.17 -0.21
N VAL B 57 8.77 31.29 -1.14
CA VAL B 57 9.82 31.70 -2.07
C VAL B 57 9.28 32.67 -3.09
N ALA B 58 8.03 32.51 -3.53
CA ALA B 58 7.53 33.51 -4.46
C ALA B 58 7.37 34.85 -3.79
N GLN B 59 7.34 34.89 -2.45
CA GLN B 59 7.40 36.17 -1.76
C GLN B 59 8.82 36.72 -1.66
N LEU B 60 9.78 35.88 -1.28
CA LEU B 60 11.15 36.36 -1.10
C LEU B 60 11.73 36.84 -2.43
N LYS B 61 11.39 36.15 -3.52
CA LYS B 61 11.79 36.62 -4.84
C LYS B 61 11.30 38.04 -5.06
N GLN B 62 10.10 38.36 -4.59
CA GLN B 62 9.59 39.71 -4.80
C GLN B 62 10.30 40.72 -3.91
N LYS B 63 10.62 40.36 -2.68
CA LYS B 63 11.43 41.27 -1.88
C LYS B 63 12.71 41.63 -2.64
N VAL B 64 13.45 40.63 -3.11
CA VAL B 64 14.69 40.98 -3.82
C VAL B 64 14.37 41.84 -5.03
N LEU B 65 13.36 41.45 -5.82
CA LEU B 65 13.04 42.22 -7.02
C LEU B 65 12.71 43.67 -6.70
N SER B 66 12.32 43.96 -5.46
CA SER B 66 11.92 45.31 -5.11
C SER B 66 13.09 46.19 -4.66
N HIS B 67 14.18 45.60 -4.16
CA HIS B 67 15.32 46.34 -3.66
C HIS B 67 16.44 46.48 -4.70
N VAL B 68 16.14 46.22 -5.96
CA VAL B 68 17.09 46.48 -7.04
C VAL B 68 16.45 47.56 -7.92
C7 MV0 C . -13.42 -18.78 3.11
C8 MV0 C . -12.92 -18.90 1.82
C9 MV0 C . -14.39 -17.16 1.64
O1 MV0 C . -13.69 -19.64 5.29
C1 MV0 C . -11.22 -18.96 -0.81
C5 MV0 C . -13.02 -19.69 4.09
C6 MV0 C . -13.14 -18.82 6.30
C4 MV0 C . -12.07 -20.67 3.78
C3 MV0 C . -11.58 -20.77 2.48
O3 MV0 C . -15.12 -17.28 3.95
C2 MV0 C . -12.00 -19.91 1.47
C MV0 C . -11.55 -20.13 0.06
O MV0 C . -11.43 -21.27 -0.37
C10 MV0 C . -14.31 -17.60 3.10
O2 MV0 C . -13.43 -17.98 0.93
H8 MV0 C . -15.38 -17.33 1.20
H9 MV0 C . -14.12 -16.11 1.50
H MV0 C . -10.35 -19.21 -1.42
H1 MV0 C . -10.92 -18.12 -0.17
H5 MV0 C . -13.67 -19.15 7.20
H6 MV0 C . -13.39 -17.82 5.97
H7 MV0 C . -12.08 -19.07 6.26
H4 MV0 C . -11.73 -21.36 4.55
H3 MV0 C . -10.84 -21.53 2.25
CL CL D . 0.86 -14.35 -4.82
CL CL E . 2.33 -8.92 -8.20
CL CL F . 1.18 -20.44 -4.10
CL CL G . -7.57 -32.64 0.75
#